data_1BAI
#
_entry.id   1BAI
#
_cell.length_a   62.610
_cell.length_b   62.610
_cell.length_c   132.150
_cell.angle_alpha   90.00
_cell.angle_beta   90.00
_cell.angle_gamma   120.00
#
_symmetry.space_group_name_H-M   'P 65'
#
loop_
_entity.id
_entity.type
_entity.pdbx_description
1 polymer PROTEASE
2 non-polymer N-[(2R)-2-({N~5~-[amino(iminio)methyl]-L-ornithyl-L-valyl}amino)-4-methylpentyl]-L-phenylalanyl-L-alpha-glutamyl-L-alanyl-L-norleucinamide
3 water water
#
_entity_poly.entity_id   1
_entity_poly.type   'polypeptide(L)'
_entity_poly.pdbx_seq_one_letter_code
;LAMTMEHKDRPLVRVILTNTGSHPVKQRSVYITALLDTGADDTVISEEDWPTDWPVMEAANPQIHGIGGGIPVRKSRDMI
ELGVINRDGSLERPLLLFPLVAMTPVNILGRDCLQGLGLRLTNL
;
_entity_poly.pdbx_strand_id   A,B
#
loop_
_chem_comp.id
_chem_comp.type
_chem_comp.name
_chem_comp.formula
0Q4 peptide-like N-[(2R)-2-({N~5~-[amino(iminio)methyl]-L-ornithyl-L-valyl}amino)-4-methylpentyl]-L-phenylalanyl-L-alpha-glutamyl-L-alanyl-L-norleucinamide 'C40 H70 N11 O8 1'
#
# COMPACT_ATOMS: atom_id res chain seq x y z
N LEU A 1 9.78 -11.26 -11.10
CA LEU A 1 10.11 -9.93 -10.49
C LEU A 1 10.89 -10.17 -9.18
N ALA A 2 11.53 -9.09 -8.72
CA ALA A 2 12.33 -9.08 -7.51
C ALA A 2 12.54 -7.60 -7.39
N MET A 3 12.21 -7.04 -6.23
CA MET A 3 12.34 -5.61 -5.99
C MET A 3 12.42 -5.31 -4.51
N THR A 4 13.65 -5.03 -4.05
CA THR A 4 13.94 -4.70 -2.64
C THR A 4 13.12 -3.49 -2.18
N MET A 5 12.57 -3.56 -0.98
CA MET A 5 11.82 -2.42 -0.47
C MET A 5 12.81 -1.34 -0.05
N GLU A 6 12.66 -0.15 -0.61
CA GLU A 6 13.53 0.94 -0.26
C GLU A 6 12.59 2.02 0.16
N HIS A 7 12.87 2.62 1.29
CA HIS A 7 12.00 3.63 1.81
C HIS A 7 11.95 4.80 0.89
N LYS A 8 13.11 5.09 0.28
CA LYS A 8 13.20 6.22 -0.65
C LYS A 8 12.63 6.01 -2.05
N ASP A 9 12.80 4.83 -2.62
CA ASP A 9 12.24 4.64 -3.94
C ASP A 9 10.95 3.81 -3.89
N ARG A 10 9.87 4.36 -4.44
CA ARG A 10 8.61 3.65 -4.39
C ARG A 10 8.62 2.47 -5.33
N PRO A 11 7.95 1.38 -4.96
CA PRO A 11 7.92 0.19 -5.81
C PRO A 11 7.09 0.49 -7.13
N LEU A 12 7.69 1.35 -7.96
CA LEU A 12 7.12 1.82 -9.21
C LEU A 12 7.53 0.96 -10.45
N VAL A 13 6.56 0.65 -11.33
CA VAL A 13 6.80 -0.14 -12.53
C VAL A 13 6.19 0.40 -13.83
N ARG A 14 6.67 -0.08 -14.97
CA ARG A 14 6.15 0.30 -16.27
C ARG A 14 4.99 -0.68 -16.65
N VAL A 15 3.84 -0.16 -17.06
CA VAL A 15 2.67 -0.99 -17.37
C VAL A 15 2.05 -0.64 -18.72
N ILE A 16 1.72 -1.61 -19.55
CA ILE A 16 1.04 -1.27 -20.81
C ILE A 16 -0.37 -1.85 -20.83
N LEU A 17 -1.37 -1.01 -20.98
CA LEU A 17 -2.74 -1.47 -21.03
C LEU A 17 -3.23 -1.60 -22.48
N THR A 18 -4.25 -2.42 -22.71
CA THR A 18 -4.77 -2.68 -24.06
C THR A 18 -6.24 -3.06 -23.98
N ASN A 19 -7.12 -2.18 -24.49
CA ASN A 19 -8.58 -2.36 -24.50
C ASN A 19 -8.83 -3.34 -25.57
N THR A 20 -9.51 -4.44 -25.21
CA THR A 20 -9.74 -5.53 -26.17
C THR A 20 -11.20 -5.59 -26.53
N GLY A 21 -11.89 -4.48 -26.30
CA GLY A 21 -13.31 -4.48 -26.56
C GLY A 21 -13.67 -4.44 -28.02
N SER A 22 -14.57 -5.35 -28.38
CA SER A 22 -15.04 -5.38 -29.74
C SER A 22 -15.87 -4.11 -29.75
N HIS A 23 -15.23 -3.07 -30.26
CA HIS A 23 -15.80 -1.73 -30.42
C HIS A 23 -14.57 -0.86 -30.54
N PRO A 24 -14.60 0.12 -31.43
CA PRO A 24 -13.46 1.03 -31.63
C PRO A 24 -13.18 1.99 -30.49
N VAL A 25 -11.93 2.40 -30.41
CA VAL A 25 -11.43 3.33 -29.42
C VAL A 25 -10.30 3.96 -30.25
N LYS A 26 -9.93 5.18 -29.93
CA LYS A 26 -8.85 5.84 -30.67
C LYS A 26 -7.47 5.15 -30.58
N GLN A 27 -7.10 4.67 -29.38
CA GLN A 27 -5.79 4.05 -29.13
C GLN A 27 -6.03 2.75 -28.32
N ARG A 28 -5.72 1.57 -28.86
CA ARG A 28 -5.99 0.30 -28.09
C ARG A 28 -4.99 0.09 -27.00
N SER A 29 -3.74 0.54 -27.17
CA SER A 29 -2.67 0.36 -26.17
C SER A 29 -2.00 1.64 -25.69
N VAL A 30 -1.94 1.84 -24.36
CA VAL A 30 -1.35 3.03 -23.79
C VAL A 30 -0.11 2.67 -22.92
N TYR A 31 0.42 3.65 -22.21
CA TYR A 31 1.55 3.39 -21.35
C TYR A 31 1.47 4.27 -20.16
N ILE A 32 1.76 3.65 -19.03
CA ILE A 32 1.65 4.31 -17.76
C ILE A 32 2.77 3.91 -16.79
N THR A 33 2.67 4.35 -15.56
CA THR A 33 3.65 4.00 -14.55
C THR A 33 2.69 3.65 -13.41
N ALA A 34 3.03 2.61 -12.65
CA ALA A 34 2.14 2.19 -11.59
C ALA A 34 2.86 1.64 -10.37
N LEU A 35 2.45 2.09 -9.18
CA LEU A 35 3.02 1.62 -7.90
C LEU A 35 2.50 0.24 -7.52
N LEU A 36 3.34 -0.59 -6.93
CA LEU A 36 2.86 -1.91 -6.50
C LEU A 36 2.29 -1.82 -5.06
N ASP A 37 0.96 -1.66 -4.90
CA ASP A 37 0.37 -1.46 -3.56
C ASP A 37 -0.20 -2.62 -2.75
N THR A 38 0.49 -3.06 -1.71
CA THR A 38 -0.01 -4.20 -0.91
C THR A 38 -1.18 -3.87 -0.03
N GLY A 39 -1.31 -2.62 0.38
CA GLY A 39 -2.45 -2.23 1.20
C GLY A 39 -3.60 -1.87 0.28
N ALA A 40 -3.44 -2.21 -1.01
CA ALA A 40 -4.46 -1.95 -2.03
C ALA A 40 -5.23 -3.24 -2.45
N ASP A 41 -6.45 -3.38 -1.97
CA ASP A 41 -7.25 -4.54 -2.27
C ASP A 41 -7.39 -4.66 -3.76
N ASP A 42 -7.71 -3.51 -4.36
CA ASP A 42 -8.01 -3.36 -5.77
C ASP A 42 -6.95 -2.61 -6.57
N THR A 43 -6.93 -2.81 -7.90
CA THR A 43 -6.05 -2.13 -8.88
C THR A 43 -6.90 -1.03 -9.47
N VAL A 44 -6.42 0.20 -9.38
CA VAL A 44 -7.19 1.36 -9.83
C VAL A 44 -6.23 2.23 -10.62
N ILE A 45 -6.63 2.56 -11.85
CA ILE A 45 -5.89 3.43 -12.82
C ILE A 45 -6.50 4.82 -12.66
N SER A 46 -5.66 5.84 -12.46
CA SER A 46 -6.14 7.23 -12.28
C SER A 46 -6.95 7.69 -13.47
N GLU A 47 -7.88 8.62 -13.26
CA GLU A 47 -8.69 9.11 -14.39
C GLU A 47 -7.93 9.98 -15.39
N GLU A 48 -6.79 10.49 -14.94
CA GLU A 48 -5.93 11.31 -15.77
C GLU A 48 -5.05 10.50 -16.75
N ASP A 49 -5.14 9.15 -16.67
CA ASP A 49 -4.43 8.16 -17.56
C ASP A 49 -5.44 7.23 -18.25
N TRP A 50 -6.69 7.27 -17.79
CA TRP A 50 -7.72 6.45 -18.38
C TRP A 50 -8.24 7.20 -19.59
N PRO A 51 -8.30 6.52 -20.76
CA PRO A 51 -8.77 7.19 -21.99
C PRO A 51 -10.26 7.49 -22.07
N THR A 52 -10.52 8.77 -22.31
CA THR A 52 -11.86 9.36 -22.39
C THR A 52 -12.85 8.61 -23.24
N ASP A 53 -12.34 7.64 -24.00
CA ASP A 53 -13.20 6.84 -24.85
C ASP A 53 -13.41 5.43 -24.39
N TRP A 54 -12.56 4.93 -23.49
CA TRP A 54 -12.73 3.57 -22.98
C TRP A 54 -13.94 3.61 -22.04
N PRO A 55 -15.06 2.90 -22.40
CA PRO A 55 -16.28 2.89 -21.58
C PRO A 55 -16.12 2.44 -20.16
N VAL A 56 -17.13 2.78 -19.38
CA VAL A 56 -17.16 2.54 -17.97
C VAL A 56 -18.61 2.34 -17.49
N MET A 57 -18.76 1.64 -16.36
CA MET A 57 -20.06 1.32 -15.77
C MET A 57 -19.99 1.57 -14.25
N GLU A 58 -20.98 1.08 -13.49
CA GLU A 58 -21.04 1.20 -12.01
C GLU A 58 -20.15 0.14 -11.36
N ALA A 59 -19.37 0.51 -10.35
CA ALA A 59 -18.48 -0.46 -9.69
C ALA A 59 -18.98 -1.38 -8.54
N ALA A 60 -20.28 -1.45 -8.21
CA ALA A 60 -20.80 -2.34 -7.10
C ALA A 60 -20.79 -1.69 -5.72
N ASN A 61 -19.88 -0.74 -5.56
CA ASN A 61 -19.80 0.06 -4.38
C ASN A 61 -19.38 1.37 -5.01
N PRO A 62 -20.23 2.41 -4.89
CA PRO A 62 -20.05 3.77 -5.41
C PRO A 62 -18.69 4.38 -5.19
N GLN A 63 -18.00 4.00 -4.13
CA GLN A 63 -16.69 4.58 -3.98
C GLN A 63 -15.61 3.74 -3.30
N ILE A 64 -14.37 4.23 -3.33
CA ILE A 64 -13.29 3.52 -2.67
C ILE A 64 -12.81 4.43 -1.58
N HIS A 65 -12.40 3.88 -0.47
CA HIS A 65 -11.95 4.75 0.59
C HIS A 65 -10.47 4.48 0.89
N GLY A 66 -9.81 5.50 1.43
CA GLY A 66 -8.43 5.38 1.79
C GLY A 66 -8.17 6.21 3.04
N ILE A 67 -7.09 6.98 2.96
CA ILE A 67 -6.63 7.85 4.02
C ILE A 67 -7.51 9.04 4.27
N GLY A 68 -7.67 9.86 3.24
CA GLY A 68 -8.51 11.02 3.41
C GLY A 68 -9.97 10.65 3.52
N GLY A 69 -10.37 9.51 2.99
CA GLY A 69 -11.77 9.12 3.05
C GLY A 69 -12.11 8.36 1.78
N GLY A 70 -13.36 8.48 1.33
CA GLY A 70 -13.81 7.82 0.11
C GLY A 70 -13.68 8.73 -1.08
N ILE A 71 -13.47 8.15 -2.24
CA ILE A 71 -13.31 8.80 -3.54
C ILE A 71 -14.25 8.01 -4.47
N PRO A 72 -15.01 8.71 -5.32
CA PRO A 72 -15.93 8.06 -6.25
C PRO A 72 -15.13 7.14 -7.20
N VAL A 73 -15.68 5.95 -7.46
CA VAL A 73 -15.05 4.95 -8.34
C VAL A 73 -16.04 4.36 -9.42
N ARG A 74 -15.58 4.32 -10.68
CA ARG A 74 -16.39 3.70 -11.71
C ARG A 74 -15.59 2.47 -12.18
N LYS A 75 -16.21 1.57 -12.96
CA LYS A 75 -15.46 0.39 -13.41
C LYS A 75 -15.32 0.29 -14.91
N SER A 76 -14.28 -0.42 -15.35
CA SER A 76 -14.02 -0.60 -16.77
C SER A 76 -15.10 -1.49 -17.31
N ARG A 77 -15.56 -1.19 -18.52
CA ARG A 77 -16.62 -1.95 -19.16
C ARG A 77 -16.03 -2.98 -20.14
N ASP A 78 -14.84 -2.70 -20.64
CA ASP A 78 -14.18 -3.63 -21.51
C ASP A 78 -13.12 -4.33 -20.64
N MET A 79 -12.60 -5.45 -21.12
CA MET A 79 -11.57 -6.14 -20.39
C MET A 79 -10.32 -5.50 -20.91
N ILE A 80 -9.47 -5.03 -20.01
CA ILE A 80 -8.20 -4.42 -20.41
C ILE A 80 -7.18 -5.53 -20.19
N GLU A 81 -6.16 -5.59 -21.03
CA GLU A 81 -5.10 -6.58 -20.82
C GLU A 81 -3.94 -5.76 -20.25
N LEU A 82 -3.54 -6.11 -19.02
CA LEU A 82 -2.49 -5.44 -18.27
C LEU A 82 -1.15 -6.20 -18.37
N GLY A 83 -0.13 -5.56 -18.87
CA GLY A 83 1.15 -6.24 -19.01
C GLY A 83 2.26 -5.47 -18.37
N VAL A 84 2.96 -6.15 -17.46
CA VAL A 84 4.03 -5.51 -16.72
C VAL A 84 5.45 -5.71 -17.27
N ILE A 85 6.20 -4.63 -17.24
CA ILE A 85 7.55 -4.56 -17.75
C ILE A 85 8.48 -4.40 -16.53
N ASN A 86 9.42 -5.34 -16.36
CA ASN A 86 10.36 -5.28 -15.22
C ASN A 86 11.38 -4.22 -15.54
N ARG A 87 12.02 -3.68 -14.52
CA ARG A 87 13.02 -2.64 -14.75
C ARG A 87 13.99 -2.89 -15.89
N ASP A 88 14.57 -4.10 -15.92
CA ASP A 88 15.55 -4.55 -16.93
C ASP A 88 15.10 -4.81 -18.40
N GLY A 89 13.80 -4.79 -18.68
CA GLY A 89 13.32 -5.02 -20.02
C GLY A 89 12.24 -6.08 -20.04
N SER A 90 12.59 -7.27 -19.55
CA SER A 90 11.68 -8.42 -19.49
C SER A 90 10.22 -8.10 -19.16
N LEU A 91 9.34 -9.03 -19.54
CA LEU A 91 7.89 -8.91 -19.37
C LEU A 91 7.30 -9.94 -18.42
N GLU A 92 6.55 -9.43 -17.46
CA GLU A 92 5.85 -10.28 -16.52
C GLU A 92 4.66 -10.86 -17.32
N ARG A 93 4.02 -11.88 -16.76
CA ARG A 93 2.87 -12.54 -17.37
C ARG A 93 1.62 -11.66 -17.52
N PRO A 94 1.03 -11.68 -18.70
CA PRO A 94 -0.17 -10.93 -19.00
C PRO A 94 -1.42 -11.31 -18.19
N LEU A 95 -2.05 -10.33 -17.60
CA LEU A 95 -3.24 -10.63 -16.89
C LEU A 95 -4.27 -9.65 -17.45
N LEU A 96 -5.52 -10.15 -17.49
CA LEU A 96 -6.70 -9.47 -17.99
C LEU A 96 -7.63 -9.17 -16.79
N LEU A 97 -8.36 -8.06 -16.87
CA LEU A 97 -9.21 -7.71 -15.76
C LEU A 97 -10.09 -6.58 -16.18
N PHE A 98 -10.99 -6.16 -15.30
CA PHE A 98 -11.87 -5.01 -15.54
C PHE A 98 -11.45 -4.04 -14.45
N PRO A 99 -10.57 -3.09 -14.76
CA PRO A 99 -10.16 -2.16 -13.69
C PRO A 99 -11.13 -1.13 -13.20
N LEU A 100 -10.78 -0.61 -12.03
CA LEU A 100 -11.49 0.46 -11.36
C LEU A 100 -10.73 1.71 -11.81
N VAL A 101 -11.45 2.84 -11.91
CA VAL A 101 -10.90 4.12 -12.35
C VAL A 101 -11.53 5.19 -11.45
N ALA A 102 -10.69 6.15 -11.04
CA ALA A 102 -11.04 7.17 -10.10
C ALA A 102 -9.93 8.23 -10.07
N MET A 103 -10.15 9.38 -9.41
CA MET A 103 -9.11 10.43 -9.29
C MET A 103 -8.08 10.05 -8.24
N THR A 104 -7.32 9.02 -8.57
CA THR A 104 -6.23 8.52 -7.75
C THR A 104 -5.02 9.42 -8.11
N PRO A 105 -4.16 9.72 -7.13
CA PRO A 105 -3.03 10.57 -7.50
C PRO A 105 -2.02 9.77 -8.31
N VAL A 106 -2.17 8.45 -8.26
CA VAL A 106 -1.25 7.51 -8.89
C VAL A 106 -2.04 6.28 -9.43
N ASN A 107 -1.49 5.56 -10.41
CA ASN A 107 -2.17 4.33 -10.83
C ASN A 107 -1.47 3.30 -9.88
N ILE A 108 -2.26 2.45 -9.23
CA ILE A 108 -1.76 1.44 -8.30
C ILE A 108 -2.22 0.03 -8.68
N LEU A 109 -1.32 -0.95 -8.59
CA LEU A 109 -1.67 -2.31 -8.89
C LEU A 109 -1.85 -2.92 -7.51
N GLY A 110 -3.07 -3.28 -7.19
CA GLY A 110 -3.38 -3.87 -5.91
C GLY A 110 -3.19 -5.35 -5.79
N ARG A 111 -3.52 -5.86 -4.62
CA ARG A 111 -3.33 -7.26 -4.36
C ARG A 111 -3.95 -8.26 -5.31
N ASP A 112 -4.91 -7.82 -6.14
CA ASP A 112 -5.54 -8.71 -7.12
C ASP A 112 -4.52 -8.99 -8.25
N CYS A 113 -3.84 -7.92 -8.67
CA CYS A 113 -2.82 -8.07 -9.70
C CYS A 113 -1.57 -8.73 -9.10
N LEU A 114 -1.10 -8.21 -7.96
CA LEU A 114 0.07 -8.75 -7.29
C LEU A 114 0.00 -10.27 -7.20
N GLN A 115 -1.18 -10.76 -6.82
CA GLN A 115 -1.47 -12.20 -6.70
C GLN A 115 -1.35 -12.93 -8.03
N GLY A 116 -1.84 -12.32 -9.11
CA GLY A 116 -1.77 -12.93 -10.42
C GLY A 116 -0.35 -13.10 -10.91
N LEU A 117 0.47 -12.11 -10.61
CA LEU A 117 1.87 -12.14 -10.98
C LEU A 117 2.68 -13.12 -10.17
N GLY A 118 2.05 -13.69 -9.14
CA GLY A 118 2.69 -14.63 -8.20
C GLY A 118 3.61 -14.00 -7.13
N LEU A 119 3.22 -12.84 -6.62
CA LEU A 119 4.03 -12.13 -5.66
C LEU A 119 3.80 -12.39 -4.15
N ARG A 120 4.91 -12.75 -3.49
CA ARG A 120 4.99 -12.98 -2.05
C ARG A 120 5.96 -11.88 -1.66
N LEU A 121 5.68 -11.17 -0.58
CA LEU A 121 6.52 -10.09 -0.06
C LEU A 121 7.33 -10.90 0.93
N THR A 122 8.67 -10.82 0.87
CA THR A 122 9.52 -11.64 1.72
C THR A 122 10.86 -11.02 2.11
N ASN A 123 11.37 -11.44 3.25
CA ASN A 123 12.68 -11.01 3.73
C ASN A 123 13.62 -12.21 3.85
N LEU A 124 13.11 -13.37 3.45
CA LEU A 124 13.88 -14.58 3.47
C LEU A 124 14.85 -14.48 2.27
N LEU B 1 9.57 -13.83 7.74
CA LEU B 1 8.59 -13.03 6.96
C LEU B 1 8.69 -13.33 5.43
N ALA B 2 7.64 -13.99 4.93
CA ALA B 2 7.50 -14.36 3.55
C ALA B 2 5.98 -14.51 3.40
N MET B 3 5.32 -13.41 3.08
CA MET B 3 3.87 -13.37 2.89
C MET B 3 3.49 -13.43 1.41
N THR B 4 2.76 -14.46 1.03
CA THR B 4 2.34 -14.53 -0.32
C THR B 4 1.09 -13.66 -0.45
N MET B 5 1.08 -12.79 -1.46
CA MET B 5 -0.01 -11.83 -1.73
C MET B 5 -1.30 -12.35 -2.32
N GLU B 6 -2.38 -12.27 -1.56
CA GLU B 6 -3.64 -12.72 -2.10
C GLU B 6 -4.43 -11.45 -2.15
N HIS B 7 -5.44 -11.42 -3.01
CA HIS B 7 -6.31 -10.28 -3.03
C HIS B 7 -7.14 -10.57 -1.80
N LYS B 8 -7.45 -11.85 -1.66
CA LYS B 8 -8.26 -12.39 -0.58
C LYS B 8 -8.00 -11.69 0.74
N ASP B 9 -7.15 -12.28 1.56
CA ASP B 9 -6.89 -11.72 2.88
C ASP B 9 -5.64 -10.83 2.89
N ARG B 10 -5.68 -9.76 3.71
CA ARG B 10 -4.60 -8.79 3.81
C ARG B 10 -3.24 -9.18 4.50
N PRO B 11 -2.12 -8.51 4.12
CA PRO B 11 -0.79 -8.74 4.66
C PRO B 11 -0.80 -8.09 6.01
N LEU B 12 -1.38 -8.78 6.99
CA LEU B 12 -1.46 -8.31 8.36
C LEU B 12 -0.49 -9.02 9.33
N VAL B 13 0.18 -8.25 10.17
CA VAL B 13 1.08 -8.75 11.18
C VAL B 13 0.53 -8.19 12.53
N ARG B 14 0.89 -8.86 13.63
CA ARG B 14 0.53 -8.46 14.98
C ARG B 14 1.84 -7.83 15.45
N VAL B 15 1.79 -6.66 16.08
CA VAL B 15 3.02 -5.99 16.45
C VAL B 15 3.01 -5.66 17.90
N ILE B 16 4.18 -5.32 18.41
CA ILE B 16 4.41 -4.92 19.80
C ILE B 16 5.07 -3.52 19.79
N LEU B 17 4.64 -2.62 20.65
CA LEU B 17 5.30 -1.32 20.62
C LEU B 17 5.71 -1.05 22.05
N THR B 18 6.92 -0.51 22.27
CA THR B 18 7.40 -0.22 23.61
C THR B 18 7.91 1.21 23.64
N ASN B 19 7.41 2.04 24.56
CA ASN B 19 7.83 3.46 24.67
C ASN B 19 9.14 3.49 25.46
N THR B 20 10.25 3.62 24.76
CA THR B 20 11.56 3.58 25.42
C THR B 20 11.99 4.91 26.06
N GLY B 21 11.05 5.82 26.30
CA GLY B 21 11.36 7.14 26.85
C GLY B 21 11.48 7.21 28.36
N SER B 22 12.43 7.97 28.87
CA SER B 22 12.67 8.03 30.31
C SER B 22 11.65 8.80 31.06
N HIS B 23 10.40 8.40 30.92
CA HIS B 23 9.31 9.07 31.59
C HIS B 23 8.19 8.09 31.88
N PRO B 24 7.49 8.31 32.99
CA PRO B 24 6.40 7.40 33.31
C PRO B 24 5.37 7.31 32.21
N VAL B 25 4.84 6.12 32.01
CA VAL B 25 3.77 5.91 31.04
C VAL B 25 2.86 4.96 31.81
N LYS B 26 1.58 4.92 31.47
CA LYS B 26 0.68 4.01 32.18
C LYS B 26 1.12 2.54 31.93
N GLN B 27 1.30 2.26 30.63
CA GLN B 27 1.66 0.94 30.10
C GLN B 27 2.72 1.21 29.06
N ARG B 28 3.89 0.62 29.22
CA ARG B 28 4.97 0.84 28.24
C ARG B 28 4.80 0.06 26.95
N SER B 29 4.30 -1.18 27.08
CA SER B 29 4.11 -2.14 25.96
C SER B 29 2.66 -2.46 25.55
N VAL B 30 2.34 -2.31 24.26
CA VAL B 30 0.99 -2.58 23.68
C VAL B 30 0.99 -3.46 22.40
N TYR B 31 0.01 -4.31 22.26
CA TYR B 31 -0.09 -5.21 21.11
C TYR B 31 -1.10 -4.59 20.20
N ILE B 32 -0.80 -4.53 18.89
CA ILE B 32 -1.68 -3.89 17.90
C ILE B 32 -1.65 -4.68 16.65
N THR B 33 -2.60 -4.46 15.77
CA THR B 33 -2.46 -5.17 14.51
C THR B 33 -2.09 -4.18 13.42
N ALA B 34 -1.42 -4.67 12.39
CA ALA B 34 -0.93 -3.80 11.32
C ALA B 34 -0.89 -4.46 9.94
N LEU B 35 -0.95 -3.63 8.91
CA LEU B 35 -0.89 -4.11 7.55
C LEU B 35 0.48 -3.78 6.90
N LEU B 36 1.05 -4.72 6.15
CA LEU B 36 2.31 -4.50 5.45
C LEU B 36 1.91 -3.63 4.24
N ASP B 37 2.53 -2.48 4.04
CA ASP B 37 2.07 -1.61 2.97
C ASP B 37 3.17 -1.02 2.13
N THR B 38 3.37 -1.55 0.94
CA THR B 38 4.41 -1.05 0.05
C THR B 38 4.04 0.25 -0.58
N GLY B 39 2.76 0.60 -0.56
CA GLY B 39 2.36 1.84 -1.21
C GLY B 39 2.45 3.02 -0.29
N ALA B 40 2.79 2.70 0.96
CA ALA B 40 2.92 3.67 2.01
C ALA B 40 4.43 3.85 2.36
N ASP B 41 4.80 5.12 2.44
CA ASP B 41 6.16 5.52 2.70
C ASP B 41 6.52 5.67 4.16
N ASP B 42 5.54 5.77 5.03
CA ASP B 42 5.85 5.97 6.42
C ASP B 42 5.04 4.98 7.23
N THR B 43 5.41 4.74 8.48
CA THR B 43 4.59 3.84 9.27
C THR B 43 3.69 4.79 9.95
N VAL B 44 2.42 4.43 10.06
CA VAL B 44 1.51 5.27 10.75
C VAL B 44 0.60 4.42 11.63
N ILE B 45 0.71 4.70 12.94
CA ILE B 45 -0.07 4.07 13.98
C ILE B 45 -1.33 4.89 14.08
N SER B 46 -2.44 4.15 14.29
CA SER B 46 -3.79 4.72 14.44
C SER B 46 -3.90 5.50 15.77
N GLU B 47 -4.68 6.59 15.78
CA GLU B 47 -4.89 7.37 17.02
C GLU B 47 -5.63 6.47 17.99
N GLU B 48 -6.34 5.51 17.41
CA GLU B 48 -7.13 4.49 18.10
C GLU B 48 -6.28 3.62 19.03
N ASP B 49 -5.22 3.00 18.49
CA ASP B 49 -4.25 2.12 19.21
C ASP B 49 -3.07 2.90 19.83
N TRP B 50 -2.95 4.18 19.58
CA TRP B 50 -1.89 4.93 20.20
C TRP B 50 -2.32 5.22 21.63
N PRO B 51 -1.56 4.76 22.66
CA PRO B 51 -1.95 5.04 24.06
C PRO B 51 -1.67 6.52 24.17
N THR B 52 -2.69 7.29 23.89
CA THR B 52 -2.52 8.72 23.94
C THR B 52 -2.34 9.17 25.40
N ASP B 53 -1.03 9.12 25.70
CA ASP B 53 -0.28 9.46 26.93
C ASP B 53 1.25 9.27 26.61
N TRP B 54 1.52 9.00 25.30
CA TRP B 54 2.84 8.88 24.69
C TRP B 54 2.79 10.21 23.92
N PRO B 55 3.63 11.20 24.30
CA PRO B 55 3.58 12.50 23.63
C PRO B 55 3.96 12.47 22.20
N VAL B 56 3.45 13.46 21.46
CA VAL B 56 3.72 13.61 20.03
C VAL B 56 4.17 15.05 19.77
N MET B 57 4.65 15.25 18.55
CA MET B 57 5.07 16.57 18.04
C MET B 57 4.23 16.69 16.77
N GLU B 58 3.85 17.89 16.37
CA GLU B 58 3.03 18.00 15.15
C GLU B 58 3.94 17.84 13.92
N ALA B 59 5.23 17.78 14.21
CA ALA B 59 6.30 17.62 13.27
C ALA B 59 6.08 17.38 11.79
N ALA B 60 7.00 17.93 11.01
CA ALA B 60 7.18 17.86 9.53
C ALA B 60 6.25 18.67 8.63
N ASN B 61 5.25 17.96 8.16
CA ASN B 61 4.22 18.47 7.30
C ASN B 61 3.07 17.56 7.76
N PRO B 62 1.87 18.14 8.01
CA PRO B 62 0.80 17.21 8.42
C PRO B 62 0.48 16.39 7.13
N GLN B 63 1.40 15.53 6.77
CA GLN B 63 1.28 14.74 5.60
C GLN B 63 -0.05 14.02 5.61
N ILE B 64 0.03 12.72 5.32
CA ILE B 64 -1.13 11.89 5.29
C ILE B 64 -2.08 12.39 4.22
N HIS B 65 -1.68 12.06 3.01
CA HIS B 65 -2.41 12.32 1.81
C HIS B 65 -2.52 10.86 1.35
N GLY B 66 -3.60 10.54 0.67
CA GLY B 66 -3.83 9.22 0.13
C GLY B 66 -5.07 9.46 -0.68
N ILE B 67 -5.62 8.45 -1.36
CA ILE B 67 -6.88 8.67 -2.10
C ILE B 67 -7.96 8.90 -1.04
N GLY B 68 -8.17 10.18 -0.80
CA GLY B 68 -9.15 10.62 0.15
C GLY B 68 -8.97 12.12 0.17
N GLY B 69 -7.75 12.54 0.46
CA GLY B 69 -7.42 13.95 0.56
C GLY B 69 -6.25 14.04 1.54
N GLY B 70 -6.31 14.94 2.52
CA GLY B 70 -5.22 15.04 3.49
C GLY B 70 -5.74 14.94 4.91
N ILE B 71 -4.89 14.44 5.81
CA ILE B 71 -5.28 14.30 7.20
C ILE B 71 -4.11 14.71 8.09
N PRO B 72 -4.38 15.42 9.19
CA PRO B 72 -3.32 15.83 10.12
C PRO B 72 -2.48 14.62 10.68
N VAL B 73 -1.21 14.90 11.04
CA VAL B 73 -0.29 13.94 11.68
C VAL B 73 0.48 14.55 12.87
N ARG B 74 0.94 13.65 13.71
CA ARG B 74 1.73 14.00 14.87
C ARG B 74 2.82 12.99 14.68
N LYS B 75 3.88 13.06 15.48
CA LYS B 75 4.93 12.07 15.39
C LYS B 75 5.41 11.90 16.81
N SER B 76 5.65 10.65 17.20
CA SER B 76 6.12 10.36 18.56
C SER B 76 7.41 11.01 19.03
N ARG B 77 7.34 11.56 20.24
CA ARG B 77 8.47 12.22 20.86
C ARG B 77 9.50 11.12 21.15
N ASP B 78 9.06 10.16 21.94
CA ASP B 78 9.89 9.06 22.38
C ASP B 78 10.08 8.02 21.28
N MET B 79 11.31 7.54 21.18
CA MET B 79 11.71 6.52 20.21
C MET B 79 10.89 5.34 20.66
N ILE B 80 10.26 4.63 19.71
CA ILE B 80 9.39 3.48 20.00
C ILE B 80 10.16 2.27 19.45
N GLU B 81 10.09 1.14 20.14
CA GLU B 81 10.72 -0.08 19.65
C GLU B 81 9.54 -0.86 19.08
N LEU B 82 9.63 -1.34 17.84
CA LEU B 82 8.56 -2.05 17.17
C LEU B 82 8.97 -3.48 16.77
N GLY B 83 8.13 -4.45 17.14
CA GLY B 83 8.45 -5.82 16.79
C GLY B 83 7.41 -6.61 16.01
N VAL B 84 7.83 -7.28 14.93
CA VAL B 84 6.90 -8.08 14.14
C VAL B 84 6.87 -9.55 14.54
N ILE B 85 5.82 -9.91 15.25
CA ILE B 85 5.61 -11.26 15.69
C ILE B 85 4.93 -11.88 14.47
N ASN B 86 5.49 -12.96 13.91
CA ASN B 86 4.86 -13.63 12.78
C ASN B 86 4.01 -14.79 13.30
N ARG B 87 3.26 -15.47 12.45
CA ARG B 87 2.42 -16.58 12.96
C ARG B 87 3.19 -17.73 13.56
N ASP B 88 3.46 -17.59 14.85
CA ASP B 88 4.16 -18.56 15.65
C ASP B 88 4.67 -17.85 16.88
N GLY B 89 4.61 -16.52 16.86
CA GLY B 89 5.08 -15.74 17.99
C GLY B 89 6.55 -15.42 17.78
N SER B 90 7.14 -16.04 16.75
CA SER B 90 8.54 -15.77 16.47
C SER B 90 8.55 -14.35 15.96
N LEU B 91 9.28 -13.51 16.69
CA LEU B 91 9.42 -12.14 16.33
C LEU B 91 10.50 -12.05 15.28
N GLU B 92 10.47 -10.94 14.55
CA GLU B 92 11.43 -10.60 13.54
C GLU B 92 12.51 -9.82 14.27
N ARG B 93 13.09 -8.83 13.59
CA ARG B 93 14.16 -7.95 14.11
C ARG B 93 13.52 -6.69 14.70
N PRO B 94 13.95 -6.30 15.91
CA PRO B 94 13.43 -5.12 16.57
C PRO B 94 13.95 -3.88 15.84
N LEU B 95 13.01 -2.96 15.59
CA LEU B 95 13.24 -1.71 14.90
C LEU B 95 12.96 -0.60 15.89
N LEU B 96 13.53 0.58 15.67
CA LEU B 96 13.34 1.71 16.58
C LEU B 96 13.02 2.94 15.80
N LEU B 97 11.89 3.54 16.09
CA LEU B 97 11.48 4.72 15.34
C LEU B 97 10.60 5.67 16.12
N PHE B 98 10.03 6.61 15.39
CA PHE B 98 9.14 7.63 15.94
C PHE B 98 8.05 7.64 14.91
N PRO B 99 7.15 6.68 15.01
CA PRO B 99 6.03 6.56 14.07
C PRO B 99 5.27 7.85 13.99
N LEU B 100 4.53 7.98 12.90
CA LEU B 100 3.70 9.13 12.68
C LEU B 100 2.39 8.67 13.28
N VAL B 101 1.58 9.61 13.77
CA VAL B 101 0.33 9.32 14.43
C VAL B 101 -0.84 10.18 13.82
N ALA B 102 -1.89 9.48 13.36
CA ALA B 102 -3.07 10.07 12.72
C ALA B 102 -4.25 9.12 12.77
N MET B 103 -5.40 9.65 12.43
CA MET B 103 -6.64 8.91 12.43
C MET B 103 -6.69 8.00 11.19
N THR B 104 -5.81 7.02 11.17
CA THR B 104 -5.72 6.05 10.11
C THR B 104 -6.70 4.93 10.43
N PRO B 105 -7.44 4.43 9.41
CA PRO B 105 -8.38 3.33 9.70
C PRO B 105 -7.60 2.09 10.16
N VAL B 106 -6.32 2.02 9.82
CA VAL B 106 -5.53 0.89 10.25
C VAL B 106 -4.07 1.34 10.52
N ASN B 107 -3.30 0.52 11.25
CA ASN B 107 -1.89 0.83 11.54
C ASN B 107 -1.09 0.32 10.31
N ILE B 108 -0.26 1.18 9.76
CA ILE B 108 0.47 0.83 8.56
C ILE B 108 1.96 0.61 8.76
N LEU B 109 2.48 -0.50 8.25
CA LEU B 109 3.91 -0.66 8.35
C LEU B 109 4.41 -0.24 6.96
N GLY B 110 4.82 1.02 6.88
CA GLY B 110 5.27 1.56 5.63
C GLY B 110 6.61 1.07 5.19
N ARG B 111 6.96 1.42 3.99
CA ARG B 111 8.19 1.00 3.43
C ARG B 111 9.42 1.25 4.31
N ASP B 112 9.54 2.39 4.97
CA ASP B 112 10.71 2.67 5.82
C ASP B 112 11.06 1.57 6.83
N CYS B 113 10.07 1.17 7.62
CA CYS B 113 10.32 0.10 8.58
C CYS B 113 10.08 -1.25 7.84
N LEU B 114 9.76 -1.13 6.53
CA LEU B 114 9.54 -2.27 5.61
C LEU B 114 10.88 -2.62 4.98
N GLN B 115 11.80 -1.67 4.86
CA GLN B 115 13.13 -1.96 4.30
C GLN B 115 14.07 -2.23 5.46
N GLY B 116 13.54 -2.10 6.67
CA GLY B 116 14.32 -2.31 7.86
C GLY B 116 14.18 -3.72 8.29
N LEU B 117 13.19 -4.38 7.68
CA LEU B 117 12.90 -5.78 7.89
C LEU B 117 13.53 -6.58 6.78
N GLY B 118 14.02 -5.85 5.78
CA GLY B 118 14.62 -6.48 4.63
C GLY B 118 13.63 -6.93 3.57
N LEU B 119 12.32 -6.71 3.78
CA LEU B 119 11.31 -7.14 2.81
C LEU B 119 11.53 -6.64 1.38
N ARG B 120 11.20 -7.50 0.41
CA ARG B 120 11.35 -7.15 -1.00
C ARG B 120 10.29 -8.01 -1.71
N LEU B 121 9.64 -7.52 -2.77
CA LEU B 121 8.63 -8.32 -3.48
C LEU B 121 9.25 -9.22 -4.54
N THR B 122 8.76 -10.43 -4.67
CA THR B 122 9.36 -11.34 -5.61
C THR B 122 8.45 -12.50 -6.02
N ASN B 123 8.75 -13.06 -7.19
CA ASN B 123 7.99 -14.18 -7.70
C ASN B 123 8.92 -15.17 -8.33
N LEU B 124 10.20 -15.11 -7.95
CA LEU B 124 11.19 -16.05 -8.46
C LEU B 124 11.54 -16.85 -7.21
N 0Q4 C . 3.36 9.98 1.95
CA 0Q4 C . 2.21 9.63 1.07
C 0Q4 C . 1.83 8.13 1.31
O 0Q4 C . 2.71 7.25 1.32
CB 0Q4 C . 2.58 9.92 -0.39
CG 0Q4 C . 1.44 9.79 -1.45
CD 0Q4 C . 0.72 11.13 -1.84
NE 0Q4 C . 1.19 11.74 -3.09
CZ 0Q4 C . 1.02 11.22 -4.31
NH1 0Q4 C . 0.38 10.07 -4.44
NH2 0Q4 C . 1.60 11.77 -5.38
N1 0Q4 C . 0.55 7.86 1.58
CA1 0Q4 C . 0.05 6.51 1.88
C1 0Q4 C . -1.16 6.13 0.99
O1 0Q4 C . -2.31 6.47 1.25
CB1 0Q4 C . -0.23 6.37 3.47
CG1 0Q4 C . -0.84 5.01 3.80
CG2 0Q4 C . 1.08 6.51 4.26
N2 0Q4 C . -0.90 5.31 -0.01
CA2 0Q4 C . -1.95 4.94 -0.96
C2 0Q4 C . -2.68 3.64 -0.66
CB2 0Q4 C . -1.38 4.97 -2.40
CG3 0Q4 C . -0.49 6.21 -2.73
CD1 0Q4 C . 0.07 6.18 -4.16
CD2 0Q4 C . -1.29 7.49 -2.52
N3 0Q4 C . -3.01 3.44 0.59
CA3 0Q4 C . -3.77 2.27 1.06
C3 0Q4 C . -5.20 2.45 0.49
O2 0Q4 C . -5.76 3.54 0.55
CB3 0Q4 C . -3.65 2.23 2.61
CG4 0Q4 C . -4.77 1.60 3.33
CD11 0Q4 C . -5.98 2.26 3.48
CD21 0Q4 C . -4.66 0.29 3.81
CE1 0Q4 C . -7.07 1.63 4.13
CE2 0Q4 C . -5.75 -0.35 4.46
CZ1 0Q4 C . -6.96 0.33 4.61
N4 0Q4 C . -5.74 1.40 -0.14
CA4 0Q4 C . -7.04 1.43 -0.80
C4 0Q4 C . -7.95 0.23 -0.54
O3 0Q4 C . -7.55 -0.93 -0.67
CB4 0Q4 C . -6.84 1.62 -2.33
CG5 0Q4 C . -8.09 1.77 -3.18
CD3 0Q4 C . -8.66 0.42 -3.64
OE1 0Q4 C . -7.88 -0.44 -4.10
OE2 0Q4 C . -9.90 0.20 -3.55
N5 0Q4 C . -9.23 0.52 -0.32
CA5 0Q4 C . -10.19 -0.53 -0.06
C5 0Q4 C . -11.61 -0.33 -0.62
O4 0Q4 C . -12.13 0.79 -0.72
CB5 0Q4 C . -10.27 -0.73 1.45
N6 0Q4 C . -12.26 -1.45 -0.93
CA6 0Q4 C . -13.63 -1.50 -1.40
C6 0Q4 C . -14.48 -0.82 -0.32
O5 0Q4 C . -15.29 0.10 -0.62
CB6 0Q4 C . -14.05 -2.98 -1.55
CG6 0Q4 C . -15.56 -3.34 -1.37
CD4 0Q4 C . -15.99 -3.70 0.10
CE 0Q4 C . -17.49 -3.65 0.27
N7 0Q4 C . -14.28 -1.21 0.86
H2 0Q4 C . 4.17 9.39 1.63
H 0Q4 C . 3.15 9.79 2.94
HE 0Q4 C . 1.66 12.61 -3.04
HH11 0Q4 C . 0.01 9.60 -3.63
HH12 0Q4 C . 0.25 9.67 -5.34
HH21 0Q4 C . 2.16 12.59 -5.29
HH22 0Q4 C . 1.47 11.36 -6.28
H1 0Q4 C . -0.13 8.57 1.55
HN2 0Q4 C . 0.01 4.99 -0.16
H3 0Q4 C . -2.76 4.12 1.25
H4 0Q4 C . -5.26 0.54 -0.15
H5 0Q4 C . -9.53 1.46 -0.33
H6 0Q4 C . -11.79 -2.29 -0.78
HN3 0Q4 C . 3.60 10.98 1.85
#